data_4P7B
#
_entry.id   4P7B
#
_cell.length_a   62.097
_cell.length_b   64.925
_cell.length_c   110.489
_cell.angle_alpha   90.00
_cell.angle_beta   90.00
_cell.angle_gamma   90.00
#
_symmetry.space_group_name_H-M   'P 21 21 21'
#
loop_
_entity.id
_entity.type
_entity.pdbx_description
1 polymer 'Peptidyl-tRNA hydrolase'
2 non-polymer 2-AMINO-2-HYDROXYMETHYL-PROPANE-1,3-DIOL
3 water water
#
_entity_poly.entity_id   1
_entity_poly.type   'polypeptide(L)'
_entity_poly.pdbx_seq_one_letter_code
;MHHHHHHAIKLIVGLANPGAEYAATRHNAGAWYVDLLAERLRAPLREEPKFFGYTSRITLEGEDVRLLVPTTFMNLSGKA
VGAMASFYRIQPDEILVAHDELDLPPGVAKFKLGGGHGGHNGLKDIISKLGNNPNFHRLRVGIGHPGDKNKVVGFVLGKP
PVSEQKLIDEAIDEAARCTELWFKEGLAKATSRLHTFKAQ
;
_entity_poly.pdbx_strand_id   A,C
#
# COMPACT_ATOMS: atom_id res chain seq x y z
N ALA A 8 9.78 -6.50 7.55
CA ALA A 8 9.51 -5.13 8.02
C ALA A 8 8.17 -5.05 8.73
N ILE A 9 8.14 -4.30 9.83
CA ILE A 9 6.85 -3.92 10.45
C ILE A 9 6.09 -3.00 9.48
N LYS A 10 4.82 -3.33 9.24
CA LYS A 10 3.94 -2.56 8.33
C LYS A 10 2.79 -1.82 9.00
N LEU A 11 2.43 -2.19 10.24
CA LEU A 11 1.30 -1.59 10.96
C LEU A 11 1.68 -1.45 12.45
N ILE A 12 1.54 -0.24 13.00
CA ILE A 12 1.80 0.02 14.44
C ILE A 12 0.48 0.50 15.07
N VAL A 13 0.01 -0.24 16.10
CA VAL A 13 -1.28 0.01 16.77
C VAL A 13 -1.05 0.50 18.21
N GLY A 14 -1.77 1.57 18.62
CA GLY A 14 -1.74 2.06 19.99
C GLY A 14 -3.08 1.90 20.70
N LEU A 15 -3.16 1.08 21.75
CA LEU A 15 -4.48 0.74 22.34
C LEU A 15 -5.01 1.86 23.26
N ALA A 16 -6.35 1.99 23.32
CA ALA A 16 -7.05 3.06 24.02
C ALA A 16 -8.58 2.86 24.10
N ASN A 17 -9.21 3.70 24.94
CA ASN A 17 -10.65 4.00 24.90
C ASN A 17 -10.87 5.41 24.31
N PRO A 18 -12.01 5.66 23.65
CA PRO A 18 -12.28 6.96 23.01
C PRO A 18 -12.90 7.99 23.95
N GLY A 19 -12.65 9.28 23.69
CA GLY A 19 -13.30 10.36 24.41
C GLY A 19 -12.47 11.02 25.50
N ALA A 20 -12.76 12.30 25.75
CA ALA A 20 -11.97 13.12 26.67
C ALA A 20 -11.91 12.53 28.07
N GLU A 21 -12.96 11.78 28.40
CA GLU A 21 -13.06 11.08 29.66
C GLU A 21 -11.89 10.13 29.95
N TYR A 22 -11.39 9.45 28.93
CA TYR A 22 -10.36 8.42 29.11
C TYR A 22 -8.96 8.84 28.67
N ALA A 23 -8.86 10.00 28.03
CA ALA A 23 -7.61 10.46 27.42
C ALA A 23 -6.40 10.44 28.35
N ALA A 24 -6.60 10.68 29.64
CA ALA A 24 -5.49 10.76 30.59
C ALA A 24 -5.30 9.49 31.45
N THR A 25 -6.07 8.43 31.15
CA THR A 25 -6.05 7.23 31.99
C THR A 25 -5.00 6.23 31.51
N ARG A 26 -4.58 5.36 32.42
CA ARG A 26 -3.43 4.45 32.21
C ARG A 26 -3.64 3.51 31.01
N HIS A 27 -4.89 3.09 30.77
CA HIS A 27 -5.23 2.14 29.68
C HIS A 27 -5.05 2.75 28.28
N ASN A 28 -4.74 4.05 28.21
CA ASN A 28 -4.46 4.72 26.94
C ASN A 28 -2.92 4.89 26.64
N ALA A 29 -2.05 4.28 27.44
CA ALA A 29 -0.61 4.47 27.27
C ALA A 29 -0.06 4.10 25.87
N GLY A 30 -0.62 3.05 25.27
CA GLY A 30 -0.23 2.68 23.90
C GLY A 30 -0.50 3.78 22.89
N ALA A 31 -1.66 4.42 22.99
CA ALA A 31 -1.99 5.57 22.12
C ALA A 31 -1.04 6.76 22.35
N TRP A 32 -0.63 6.98 23.60
CA TRP A 32 0.32 8.07 23.90
C TRP A 32 1.61 7.88 23.09
N TYR A 33 2.09 6.63 23.00
CA TYR A 33 3.28 6.30 22.20
C TYR A 33 3.05 6.53 20.68
N VAL A 34 1.91 6.08 20.12
CA VAL A 34 1.67 6.26 18.67
C VAL A 34 1.50 7.75 18.35
N ASP A 35 0.89 8.52 19.27
CA ASP A 35 0.75 9.96 19.03
C ASP A 35 2.12 10.64 19.00
N LEU A 36 3.05 10.25 19.87
CA LEU A 36 4.39 10.84 19.89
C LEU A 36 5.17 10.49 18.63
N LEU A 37 5.06 9.24 18.19
CA LEU A 37 5.70 8.79 16.97
C LEU A 37 5.19 9.58 15.75
N ALA A 38 3.88 9.78 15.68
CA ALA A 38 3.28 10.51 14.57
C ALA A 38 3.78 11.96 14.52
N GLU A 39 4.01 12.57 15.68
CA GLU A 39 4.52 13.93 15.72
C GLU A 39 5.99 14.01 15.28
N ARG A 40 6.81 13.07 15.75
CA ARG A 40 8.23 13.04 15.39
C ARG A 40 8.41 12.85 13.89
N LEU A 41 7.50 12.13 13.26
CA LEU A 41 7.64 11.82 11.84
C LEU A 41 6.69 12.64 10.95
N ARG A 42 6.09 13.68 11.53
CA ARG A 42 5.27 14.65 10.79
C ARG A 42 4.15 13.99 9.98
N ALA A 43 3.36 13.18 10.66
CA ALA A 43 2.25 12.48 10.05
C ALA A 43 1.07 12.38 11.00
N PRO A 44 0.35 13.48 11.23
CA PRO A 44 -0.75 13.51 12.20
C PRO A 44 -1.89 12.52 11.88
N LEU A 45 -2.42 11.88 12.92
CA LEU A 45 -3.54 10.95 12.76
C LEU A 45 -4.85 11.65 12.45
N ARG A 46 -5.65 11.04 11.56
CA ARG A 46 -6.99 11.54 11.23
C ARG A 46 -8.04 10.42 11.22
N GLU A 47 -9.30 10.78 11.46
CA GLU A 47 -10.35 9.77 11.52
C GLU A 47 -10.60 9.08 10.17
N GLU A 48 -10.67 7.75 10.20
CA GLU A 48 -10.97 6.92 9.03
C GLU A 48 -12.01 5.84 9.42
N PRO A 49 -13.31 6.17 9.29
CA PRO A 49 -14.37 5.26 9.75
C PRO A 49 -14.35 3.86 9.14
N LYS A 50 -13.78 3.70 7.94
CA LYS A 50 -13.59 2.38 7.33
C LYS A 50 -12.84 1.39 8.24
N PHE A 51 -11.92 1.90 9.06
CA PHE A 51 -11.10 1.04 9.92
C PHE A 51 -11.38 1.30 11.41
N PHE A 52 -12.47 1.99 11.71
CA PHE A 52 -12.93 2.11 13.11
C PHE A 52 -11.85 2.69 14.06
N GLY A 53 -11.18 3.74 13.60
CA GLY A 53 -10.16 4.44 14.38
C GLY A 53 -9.54 5.64 13.68
N TYR A 54 -8.53 6.22 14.32
CA TYR A 54 -7.68 7.26 13.72
C TYR A 54 -6.47 6.59 13.05
N THR A 55 -6.07 7.08 11.86
CA THR A 55 -4.97 6.48 11.08
C THR A 55 -4.04 7.49 10.43
N SER A 56 -2.87 7.00 10.02
CA SER A 56 -1.97 7.77 9.16
CA SER A 56 -1.89 7.79 9.26
C SER A 56 -0.93 6.87 8.51
N ARG A 57 -0.03 7.47 7.73
CA ARG A 57 1.02 6.74 7.02
C ARG A 57 2.33 7.51 7.08
N ILE A 58 3.41 6.83 7.48
CA ILE A 58 4.75 7.42 7.56
C ILE A 58 5.74 6.64 6.68
N THR A 59 7.01 7.06 6.75
CA THR A 59 8.12 6.34 6.08
C THR A 59 9.34 6.28 6.99
N LEU A 60 9.95 5.09 7.10
CA LEU A 60 11.15 4.91 7.88
C LEU A 60 12.22 4.23 7.01
N GLU A 61 12.49 4.85 5.86
CA GLU A 61 13.59 4.45 4.99
C GLU A 61 13.55 2.97 4.58
N GLY A 62 12.82 2.62 3.52
CA GLY A 62 12.01 3.54 2.73
C GLY A 62 10.76 2.84 2.25
N GLU A 63 9.96 2.34 3.20
CA GLU A 63 8.68 1.71 2.89
C GLU A 63 7.54 2.30 3.72
N ASP A 64 6.30 2.01 3.28
CA ASP A 64 5.11 2.46 3.97
C ASP A 64 5.06 1.85 5.36
N VAL A 65 4.88 2.66 6.40
CA VAL A 65 4.42 2.18 7.71
C VAL A 65 3.11 2.87 8.06
N ARG A 66 2.09 2.08 8.41
CA ARG A 66 0.78 2.61 8.75
C ARG A 66 0.57 2.64 10.28
N LEU A 67 -0.13 3.66 10.75
CA LEU A 67 -0.41 3.86 12.19
C LEU A 67 -1.92 3.77 12.48
N LEU A 68 -2.29 3.22 13.64
CA LEU A 68 -3.72 3.06 14.03
C LEU A 68 -3.93 3.25 15.54
N VAL A 69 -4.91 4.09 15.91
CA VAL A 69 -5.46 4.16 17.29
C VAL A 69 -6.97 3.88 17.20
N PRO A 70 -7.44 2.70 17.67
CA PRO A 70 -8.87 2.37 17.54
C PRO A 70 -9.84 3.27 18.33
N THR A 71 -11.06 3.48 17.79
CA THR A 71 -12.16 4.12 18.54
C THR A 71 -13.30 3.12 18.84
N THR A 72 -12.97 1.83 18.88
CA THR A 72 -13.90 0.72 19.09
C THR A 72 -14.41 0.53 20.55
N PHE A 73 -13.69 1.16 21.50
CA PHE A 73 -13.59 0.81 22.94
C PHE A 73 -12.60 -0.40 23.11
N MET A 74 -11.92 -0.47 24.26
CA MET A 74 -10.77 -1.35 24.45
C MET A 74 -11.04 -2.82 24.15
N ASN A 75 -12.13 -3.37 24.70
CA ASN A 75 -12.39 -4.80 24.59
C ASN A 75 -12.89 -5.23 23.17
N LEU A 76 -13.02 -4.27 22.25
CA LEU A 76 -13.44 -4.51 20.86
C LEU A 76 -12.33 -4.12 19.84
N SER A 77 -11.10 -3.95 20.35
CA SER A 77 -9.93 -3.50 19.57
C SER A 77 -9.64 -4.36 18.34
N GLY A 78 -9.92 -5.65 18.44
CA GLY A 78 -9.70 -6.56 17.33
C GLY A 78 -10.49 -6.23 16.07
N LYS A 79 -11.65 -5.60 16.22
CA LYS A 79 -12.46 -5.20 15.07
C LYS A 79 -11.65 -4.26 14.15
N ALA A 80 -10.99 -3.26 14.73
CA ALA A 80 -10.17 -2.33 13.97
C ALA A 80 -8.88 -2.98 13.40
N VAL A 81 -8.14 -3.72 14.24
CA VAL A 81 -6.88 -4.33 13.79
C VAL A 81 -7.14 -5.36 12.67
N GLY A 82 -8.15 -6.20 12.86
CA GLY A 82 -8.56 -7.19 11.87
C GLY A 82 -8.97 -6.58 10.54
N ALA A 83 -9.76 -5.52 10.58
CA ALA A 83 -10.26 -4.92 9.34
C ALA A 83 -9.12 -4.30 8.53
N MET A 84 -8.21 -3.62 9.20
CA MET A 84 -7.10 -2.92 8.54
C MET A 84 -6.04 -3.92 8.03
N ALA A 85 -5.70 -4.94 8.83
CA ALA A 85 -4.71 -5.93 8.39
C ALA A 85 -5.23 -6.70 7.17
N SER A 86 -6.49 -7.12 7.20
CA SER A 86 -7.08 -7.86 6.10
CA SER A 86 -7.08 -7.87 6.09
C SER A 86 -7.13 -7.02 4.82
N PHE A 87 -7.50 -5.75 4.95
CA PHE A 87 -7.61 -4.87 3.76
C PHE A 87 -6.25 -4.74 3.03
N TYR A 88 -5.19 -4.50 3.79
CA TYR A 88 -3.85 -4.27 3.24
C TYR A 88 -2.99 -5.55 3.14
N ARG A 89 -3.58 -6.69 3.50
CA ARG A 89 -2.95 -8.00 3.38
C ARG A 89 -1.64 -8.08 4.20
N ILE A 90 -1.76 -7.64 5.46
CA ILE A 90 -0.64 -7.58 6.42
C ILE A 90 -0.71 -8.80 7.35
N GLN A 91 0.42 -9.50 7.53
CA GLN A 91 0.48 -10.71 8.35
C GLN A 91 0.72 -10.37 9.82
N PRO A 92 0.34 -11.29 10.75
CA PRO A 92 0.51 -10.95 12.16
C PRO A 92 1.96 -10.62 12.59
N ASP A 93 2.98 -11.27 12.00
CA ASP A 93 4.36 -10.97 12.40
C ASP A 93 4.89 -9.64 11.82
N GLU A 94 4.03 -8.94 11.08
CA GLU A 94 4.29 -7.60 10.56
C GLU A 94 3.52 -6.49 11.32
N ILE A 95 2.88 -6.88 12.44
CA ILE A 95 2.12 -5.94 13.30
C ILE A 95 2.87 -5.74 14.64
N LEU A 96 2.94 -4.50 15.10
CA LEU A 96 3.43 -4.12 16.45
C LEU A 96 2.30 -3.47 17.24
N VAL A 97 1.93 -4.04 18.39
CA VAL A 97 0.86 -3.50 19.25
C VAL A 97 1.44 -2.96 20.59
N ALA A 98 1.30 -1.65 20.79
CA ALA A 98 1.71 -0.97 22.03
C ALA A 98 0.55 -0.92 23.04
N HIS A 99 0.86 -1.29 24.30
CA HIS A 99 -0.13 -1.40 25.36
C HIS A 99 0.48 -1.13 26.74
N ASP A 100 -0.37 -0.70 27.68
CA ASP A 100 0.01 -0.61 29.11
C ASP A 100 0.25 -2.00 29.70
N GLU A 101 1.27 -2.11 30.57
CA GLU A 101 1.72 -3.37 31.17
C GLU A 101 1.85 -3.28 32.71
N LEU A 102 1.02 -4.03 33.44
CA LEU A 102 1.03 -4.00 34.91
C LEU A 102 2.32 -4.58 35.52
N ASP A 103 2.93 -5.54 34.82
CA ASP A 103 4.10 -6.31 35.34
C ASP A 103 5.47 -5.62 35.13
N LEU A 104 5.49 -4.39 34.63
CA LEU A 104 6.72 -3.54 34.56
C LEU A 104 6.42 -2.20 35.24
N PRO A 105 7.41 -1.59 35.94
CA PRO A 105 7.17 -0.30 36.60
C PRO A 105 7.15 0.94 35.69
N PRO A 106 6.50 2.02 36.14
CA PRO A 106 6.67 3.29 35.40
C PRO A 106 8.15 3.64 35.17
N GLY A 107 8.53 3.99 33.94
CA GLY A 107 9.92 4.27 33.58
C GLY A 107 10.60 3.23 32.70
N VAL A 108 9.98 2.06 32.60
CA VAL A 108 10.49 0.90 31.88
C VAL A 108 9.54 0.52 30.74
N ALA A 109 10.10 0.04 29.63
CA ALA A 109 9.36 -0.53 28.49
C ALA A 109 10.18 -1.68 27.84
N LYS A 110 9.49 -2.64 27.22
N LYS A 110 9.49 -2.64 27.21
CA LYS A 110 10.13 -3.78 26.57
CA LYS A 110 10.16 -3.79 26.58
C LYS A 110 9.42 -4.18 25.27
C LYS A 110 9.42 -4.32 25.34
N PHE A 111 10.17 -4.76 24.34
CA PHE A 111 9.63 -5.46 23.15
C PHE A 111 9.38 -6.96 23.48
N LYS A 112 8.33 -7.56 22.87
CA LYS A 112 7.99 -8.98 23.03
C LYS A 112 7.41 -9.52 21.71
N LEU A 113 7.73 -10.76 21.32
CA LEU A 113 7.02 -11.46 20.24
C LEU A 113 6.24 -12.65 20.77
N GLY A 114 4.94 -12.68 20.47
CA GLY A 114 4.04 -13.73 20.94
C GLY A 114 3.72 -13.75 22.43
N GLY A 115 3.17 -14.87 22.88
CA GLY A 115 2.87 -15.08 24.29
C GLY A 115 1.44 -14.74 24.68
N GLY A 116 1.20 -14.73 26.00
CA GLY A 116 -0.12 -14.49 26.54
C GLY A 116 -0.54 -13.02 26.58
N HIS A 117 -1.79 -12.78 26.93
CA HIS A 117 -2.33 -11.41 27.01
C HIS A 117 -2.12 -10.77 28.40
N GLY A 118 -1.66 -11.54 29.37
CA GLY A 118 -1.39 -10.99 30.70
C GLY A 118 -2.56 -10.31 31.42
N GLY A 119 -3.78 -10.75 31.14
CA GLY A 119 -4.98 -10.13 31.68
C GLY A 119 -5.54 -8.92 30.94
N HIS A 120 -4.85 -8.50 29.87
CA HIS A 120 -5.23 -7.30 29.12
C HIS A 120 -6.30 -7.65 28.07
N ASN A 121 -7.52 -7.15 28.26
CA ASN A 121 -8.64 -7.55 27.39
C ASN A 121 -8.65 -6.89 26.01
N GLY A 122 -7.82 -5.86 25.78
CA GLY A 122 -7.56 -5.41 24.41
C GLY A 122 -6.72 -6.40 23.60
N LEU A 123 -5.62 -6.86 24.21
CA LEU A 123 -4.82 -7.94 23.61
C LEU A 123 -5.64 -9.22 23.38
N LYS A 124 -6.47 -9.59 24.36
CA LYS A 124 -7.32 -10.78 24.23
C LYS A 124 -8.21 -10.70 22.97
N ASP A 125 -8.82 -9.53 22.70
CA ASP A 125 -9.68 -9.41 21.52
C ASP A 125 -8.89 -9.43 20.19
N ILE A 126 -7.68 -8.90 20.18
CA ILE A 126 -6.85 -8.95 18.97
C ILE A 126 -6.42 -10.39 18.67
N ILE A 127 -5.99 -11.14 19.70
CA ILE A 127 -5.64 -12.56 19.51
C ILE A 127 -6.84 -13.31 18.89
N SER A 128 -8.05 -13.06 19.41
CA SER A 128 -9.27 -13.70 18.87
C SER A 128 -9.52 -13.33 17.41
N LYS A 129 -9.54 -12.04 17.08
CA LYS A 129 -9.95 -11.61 15.74
C LYS A 129 -8.88 -11.84 14.63
N LEU A 130 -7.62 -12.10 15.01
CA LEU A 130 -6.61 -12.54 14.05
C LEU A 130 -6.66 -14.06 13.83
N GLY A 131 -7.64 -14.74 14.43
CA GLY A 131 -7.80 -16.19 14.27
C GLY A 131 -7.19 -17.07 15.35
N ASN A 132 -7.38 -16.71 16.62
CA ASN A 132 -6.70 -17.33 17.75
C ASN A 132 -5.19 -17.40 17.51
N ASN A 133 -4.63 -16.27 17.07
CA ASN A 133 -3.20 -16.17 16.70
C ASN A 133 -2.48 -15.09 17.51
N PRO A 134 -1.63 -15.48 18.48
CA PRO A 134 -0.90 -14.52 19.31
C PRO A 134 0.44 -14.06 18.75
N ASN A 135 0.80 -14.52 17.56
CA ASN A 135 2.16 -14.33 17.03
C ASN A 135 2.37 -13.00 16.29
N PHE A 136 2.09 -11.92 17.03
CA PHE A 136 2.41 -10.54 16.64
C PHE A 136 3.36 -9.90 17.68
N HIS A 137 4.03 -8.81 17.29
CA HIS A 137 4.96 -8.10 18.17
C HIS A 137 4.20 -7.13 19.11
N ARG A 138 4.76 -6.90 20.31
CA ARG A 138 4.21 -5.96 21.31
C ARG A 138 5.29 -5.00 21.84
N LEU A 139 4.87 -3.76 22.15
CA LEU A 139 5.62 -2.83 23.01
C LEU A 139 4.87 -2.70 24.35
N ARG A 140 5.51 -3.20 25.41
CA ARG A 140 4.96 -3.24 26.78
C ARG A 140 5.40 -1.98 27.56
N VAL A 141 4.49 -1.06 27.79
CA VAL A 141 4.78 0.21 28.48
C VAL A 141 4.41 0.11 29.96
N GLY A 142 5.42 0.09 30.84
CA GLY A 142 5.16 -0.14 32.26
C GLY A 142 4.28 0.89 32.98
N ILE A 143 3.27 0.41 33.72
CA ILE A 143 2.41 1.28 34.56
C ILE A 143 2.40 0.84 36.04
N GLY A 144 3.03 -0.29 36.37
CA GLY A 144 3.05 -0.81 37.74
C GLY A 144 1.75 -1.51 38.13
N HIS A 145 1.71 -2.04 39.34
CA HIS A 145 0.54 -2.74 39.85
C HIS A 145 -0.23 -1.86 40.82
N PRO A 146 -1.57 -2.24 41.07
CA PRO A 146 -2.27 -1.36 42.01
C PRO A 146 -2.31 -1.94 43.41
N VAL A 152 -8.01 -3.25 40.35
CA VAL A 152 -7.41 -3.09 39.02
C VAL A 152 -8.27 -2.29 38.02
N VAL A 153 -9.58 -2.47 38.01
CA VAL A 153 -10.39 -1.74 37.03
C VAL A 153 -10.31 -0.24 37.33
N GLY A 154 -10.41 0.12 38.61
CA GLY A 154 -10.25 1.50 39.05
C GLY A 154 -8.86 2.02 38.73
N PHE A 155 -7.88 1.13 38.76
CA PHE A 155 -6.47 1.49 38.52
C PHE A 155 -6.19 1.78 37.05
N VAL A 156 -6.58 0.87 36.15
CA VAL A 156 -6.22 1.08 34.74
C VAL A 156 -7.11 2.16 34.11
N LEU A 157 -8.28 2.44 34.71
CA LEU A 157 -9.10 3.56 34.24
C LEU A 157 -8.94 4.81 35.12
N GLY A 158 -7.84 4.86 35.87
CA GLY A 158 -7.44 6.02 36.65
C GLY A 158 -6.31 6.83 36.04
N LYS A 159 -6.17 8.06 36.49
CA LYS A 159 -5.11 8.96 36.03
C LYS A 159 -3.87 8.87 36.95
N PRO A 160 -2.67 8.61 36.40
CA PRO A 160 -1.45 8.55 37.24
C PRO A 160 -1.12 9.86 37.98
N PRO A 161 -0.56 9.77 39.20
CA PRO A 161 0.03 10.98 39.78
C PRO A 161 1.18 11.53 38.91
N VAL A 162 1.51 12.80 39.13
CA VAL A 162 2.50 13.49 38.33
C VAL A 162 3.85 12.76 38.26
N SER A 163 4.31 12.22 39.39
CA SER A 163 5.58 11.50 39.45
C SER A 163 5.61 10.25 38.55
N GLU A 164 4.51 9.50 38.57
CA GLU A 164 4.39 8.31 37.72
C GLU A 164 4.25 8.72 36.24
N GLN A 165 3.47 9.77 35.96
CA GLN A 165 3.32 10.24 34.58
C GLN A 165 4.65 10.69 33.92
N LYS A 166 5.53 11.34 34.69
CA LYS A 166 6.83 11.75 34.16
C LYS A 166 7.67 10.53 33.75
N LEU A 167 7.62 9.48 34.56
CA LEU A 167 8.39 8.26 34.27
C LEU A 167 7.85 7.54 33.02
N ILE A 168 6.52 7.44 32.90
CA ILE A 168 5.90 6.83 31.70
C ILE A 168 6.29 7.64 30.45
N ASP A 169 6.25 8.97 30.56
CA ASP A 169 6.66 9.83 29.45
C ASP A 169 8.14 9.60 29.02
N GLU A 170 9.04 9.39 29.98
CA GLU A 170 10.45 9.06 29.71
C GLU A 170 10.59 7.76 28.91
N ALA A 171 9.84 6.74 29.33
CA ALA A 171 9.91 5.43 28.68
C ALA A 171 9.35 5.49 27.26
N ILE A 172 8.28 6.25 27.05
CA ILE A 172 7.68 6.40 25.73
C ILE A 172 8.64 7.12 24.77
N ASP A 173 9.36 8.14 25.26
CA ASP A 173 10.37 8.83 24.46
CA ASP A 173 10.33 8.81 24.40
C ASP A 173 11.47 7.88 23.97
N GLU A 174 11.99 7.08 24.90
CA GLU A 174 13.04 6.13 24.58
C GLU A 174 12.51 5.04 23.62
N ALA A 175 11.28 4.58 23.82
CA ALA A 175 10.71 3.57 22.93
C ALA A 175 10.52 4.08 21.50
N ALA A 176 10.13 5.34 21.32
CA ALA A 176 10.03 5.89 19.97
C ALA A 176 11.39 5.96 19.29
N ARG A 177 12.41 6.42 20.00
CA ARG A 177 13.77 6.46 19.45
C ARG A 177 14.27 5.04 19.09
N CYS A 178 13.92 4.03 19.89
CA CYS A 178 14.33 2.65 19.61
C CYS A 178 13.54 1.98 18.46
N THR A 179 12.32 2.47 18.18
CA THR A 179 11.53 1.99 17.04
C THR A 179 12.19 2.49 15.74
N GLU A 180 12.61 3.75 15.71
CA GLU A 180 13.39 4.24 14.57
C GLU A 180 14.70 3.44 14.39
N LEU A 181 15.34 3.05 15.49
CA LEU A 181 16.56 2.25 15.42
C LEU A 181 16.32 0.84 14.84
N TRP A 182 15.16 0.25 15.17
CA TRP A 182 14.75 -1.05 14.65
C TRP A 182 14.72 -1.01 13.10
N PHE A 183 14.11 0.03 12.55
CA PHE A 183 14.04 0.17 11.09
C PHE A 183 15.40 0.42 10.46
N LYS A 184 16.28 1.13 11.16
CA LYS A 184 17.63 1.42 10.61
C LYS A 184 18.62 0.25 10.72
N GLU A 185 18.67 -0.41 11.88
CA GLU A 185 19.73 -1.37 12.20
C GLU A 185 19.31 -2.75 12.70
N GLY A 186 17.99 -2.99 12.85
CA GLY A 186 17.51 -4.31 13.25
C GLY A 186 16.93 -4.43 14.67
N LEU A 187 16.10 -5.45 14.87
CA LEU A 187 15.44 -5.70 16.15
C LEU A 187 16.46 -6.01 17.26
N ALA A 188 17.53 -6.74 16.95
CA ALA A 188 18.48 -7.09 18.01
C ALA A 188 19.13 -5.83 18.61
N LYS A 189 19.61 -4.93 17.76
CA LYS A 189 20.20 -3.68 18.23
C LYS A 189 19.18 -2.80 18.98
N ALA A 190 17.95 -2.72 18.48
CA ALA A 190 16.91 -1.91 19.11
C ALA A 190 16.56 -2.43 20.51
N THR A 191 16.50 -3.77 20.64
CA THR A 191 16.21 -4.44 21.91
C THR A 191 17.34 -4.23 22.93
N SER A 192 18.59 -4.31 22.48
CA SER A 192 19.73 -4.11 23.38
CA SER A 192 19.74 -4.11 23.37
C SER A 192 19.68 -2.73 24.05
N ARG A 193 19.40 -1.70 23.26
CA ARG A 193 19.28 -0.34 23.78
C ARG A 193 18.06 -0.22 24.73
N LEU A 194 16.86 -0.57 24.27
CA LEU A 194 15.65 -0.34 25.07
C LEU A 194 15.69 -1.09 26.40
N HIS A 195 16.08 -2.36 26.37
CA HIS A 195 15.98 -3.17 27.59
C HIS A 195 17.04 -2.81 28.64
N THR A 196 18.14 -2.14 28.26
CA THR A 196 19.14 -1.69 29.24
C THR A 196 18.91 -0.24 29.79
N PHE A 197 17.84 0.41 29.36
CA PHE A 197 17.51 1.81 29.70
C PHE A 197 17.54 2.16 31.23
N LYS A 198 16.92 1.34 32.05
CA LYS A 198 16.92 1.56 33.51
C LYS A 198 17.76 0.52 34.27
N ALA A 199 18.51 -0.29 33.54
CA ALA A 199 19.25 -1.43 34.13
C ALA A 199 20.73 -1.08 34.43
N GLN A 200 21.18 0.01 33.80
CA GLN A 200 22.45 0.72 34.01
C GLN A 200 22.89 0.79 35.46
N ALA B 8 -11.58 -3.78 -6.57
CA ALA B 8 -10.92 -2.55 -7.01
C ALA B 8 -9.60 -2.87 -7.70
N ILE B 9 -9.34 -2.21 -8.83
CA ILE B 9 -8.02 -2.21 -9.42
C ILE B 9 -7.01 -1.52 -8.47
N LYS B 10 -5.90 -2.21 -8.19
CA LYS B 10 -4.83 -1.77 -7.29
C LYS B 10 -3.52 -1.34 -8.00
N LEU B 11 -3.28 -1.84 -9.21
CA LEU B 11 -2.04 -1.57 -9.95
C LEU B 11 -2.36 -1.38 -11.44
N ILE B 12 -1.87 -0.26 -12.01
CA ILE B 12 -2.02 0.01 -13.46
C ILE B 12 -0.62 0.09 -14.09
N VAL B 13 -0.39 -0.74 -15.13
CA VAL B 13 0.91 -0.90 -15.80
C VAL B 13 0.83 -0.39 -17.24
N GLY B 14 1.81 0.41 -17.66
CA GLY B 14 1.94 0.83 -19.06
C GLY B 14 3.18 0.25 -19.73
N LEU B 15 3.00 -0.57 -20.77
CA LEU B 15 4.19 -1.24 -21.37
C LEU B 15 5.00 -0.33 -22.31
N ALA B 16 6.34 -0.56 -22.33
CA ALA B 16 7.31 0.29 -23.04
C ALA B 16 8.71 -0.35 -23.10
N ASN B 17 9.56 0.22 -23.97
CA ASN B 17 11.03 0.10 -23.93
C ASN B 17 11.62 1.41 -23.38
N PRO B 18 12.78 1.37 -22.68
CA PRO B 18 13.38 2.58 -22.14
C PRO B 18 14.28 3.31 -23.12
N GLY B 19 14.46 4.61 -22.93
CA GLY B 19 15.44 5.36 -23.67
C GLY B 19 14.83 6.19 -24.78
N ALA B 20 15.51 7.27 -25.15
CA ALA B 20 15.02 8.20 -26.17
C ALA B 20 14.82 7.51 -27.53
N GLU B 21 15.59 6.46 -27.77
CA GLU B 21 15.50 5.67 -28.99
C GLU B 21 14.10 5.09 -29.23
N TYR B 22 13.38 4.76 -28.17
CA TYR B 22 12.07 4.09 -28.30
C TYR B 22 10.86 4.92 -27.85
N ALA B 23 11.08 6.11 -27.27
CA ALA B 23 10.00 6.85 -26.61
C ALA B 23 8.80 7.18 -27.51
N ALA B 24 9.06 7.41 -28.79
CA ALA B 24 8.03 7.85 -29.74
C ALA B 24 7.47 6.71 -30.61
N THR B 25 7.90 5.49 -30.33
CA THR B 25 7.51 4.33 -31.13
C THR B 25 6.20 3.68 -30.65
N ARG B 26 5.54 2.97 -31.55
CA ARG B 26 4.19 2.43 -31.29
C ARG B 26 4.14 1.48 -30.09
N HIS B 27 5.22 0.74 -29.84
CA HIS B 27 5.27 -0.26 -28.75
C HIS B 27 5.28 0.40 -27.36
N ASN B 28 5.40 1.72 -27.30
CA ASN B 28 5.29 2.47 -26.04
C ASN B 28 3.88 3.09 -25.78
N ALA B 29 2.86 2.73 -26.57
CA ALA B 29 1.51 3.34 -26.42
C ALA B 29 0.91 3.15 -25.00
N GLY B 30 1.16 2.03 -24.36
CA GLY B 30 0.67 1.84 -22.98
C GLY B 30 1.25 2.83 -21.98
N ALA B 31 2.54 3.08 -22.09
CA ALA B 31 3.19 4.12 -21.27
C ALA B 31 2.64 5.53 -21.58
N TRP B 32 2.32 5.84 -22.84
CA TRP B 32 1.71 7.15 -23.15
C TRP B 32 0.43 7.39 -22.33
N TYR B 33 -0.39 6.35 -22.18
CA TYR B 33 -1.61 6.39 -21.35
C TYR B 33 -1.32 6.54 -19.84
N VAL B 34 -0.38 5.77 -19.28
CA VAL B 34 -0.06 5.90 -17.85
C VAL B 34 0.56 7.28 -17.55
N ASP B 35 1.40 7.80 -18.44
CA ASP B 35 1.97 9.14 -18.25
C ASP B 35 0.87 10.21 -18.20
N LEU B 36 -0.14 10.11 -19.07
CA LEU B 36 -1.25 11.06 -19.07
C LEU B 36 -2.10 10.94 -17.81
N LEU B 37 -2.42 9.70 -17.43
CA LEU B 37 -3.23 9.48 -16.24
C LEU B 37 -2.53 10.05 -15.00
N ALA B 38 -1.21 9.87 -14.93
CA ALA B 38 -0.42 10.36 -13.81
C ALA B 38 -0.46 11.88 -13.73
N GLU B 39 -0.43 12.56 -14.88
CA GLU B 39 -0.51 14.01 -14.86
C GLU B 39 -1.91 14.47 -14.41
N ARG B 40 -2.94 13.82 -14.93
CA ARG B 40 -4.33 14.20 -14.62
C ARG B 40 -4.59 14.10 -13.11
N LEU B 41 -3.99 13.09 -12.47
CA LEU B 41 -4.22 12.86 -11.05
C LEU B 41 -3.13 13.41 -10.13
N ARG B 42 -2.26 14.24 -10.69
CA ARG B 42 -1.22 14.97 -9.94
C ARG B 42 -0.30 14.04 -9.15
N ALA B 43 0.22 13.02 -9.82
CA ALA B 43 1.00 11.98 -9.15
C ALA B 43 2.30 11.69 -9.92
N PRO B 44 3.40 12.31 -9.52
CA PRO B 44 4.64 12.25 -10.29
C PRO B 44 5.23 10.85 -10.40
N LEU B 45 5.54 10.38 -11.61
CA LEU B 45 6.26 9.12 -11.79
C LEU B 45 7.75 9.35 -11.54
N ARG B 46 8.33 8.55 -10.64
CA ARG B 46 9.75 8.64 -10.31
C ARG B 46 10.40 7.25 -10.36
N GLU B 47 11.71 7.21 -10.65
CA GLU B 47 12.42 5.93 -10.69
C GLU B 47 12.46 5.25 -9.31
N GLU B 48 12.13 3.95 -9.28
CA GLU B 48 12.17 3.11 -8.06
C GLU B 48 12.89 1.78 -8.40
N PRO B 49 14.21 1.72 -8.17
CA PRO B 49 15.00 0.54 -8.61
C PRO B 49 14.55 -0.82 -8.08
N LYS B 50 13.95 -0.83 -6.89
CA LYS B 50 13.40 -2.03 -6.31
C LYS B 50 12.38 -2.74 -7.21
N PHE B 51 11.65 -1.96 -8.03
CA PHE B 51 10.62 -2.52 -8.91
C PHE B 51 10.97 -2.36 -10.40
N PHE B 52 12.23 -1.99 -10.69
CA PHE B 52 12.74 -2.03 -12.08
C PHE B 52 11.89 -1.19 -13.04
N GLY B 53 11.56 0.04 -12.61
CA GLY B 53 10.73 0.94 -13.39
C GLY B 53 10.45 2.26 -12.72
N TYR B 54 9.60 3.06 -13.34
CA TYR B 54 9.10 4.32 -12.79
C TYR B 54 7.73 4.06 -12.12
N THR B 55 7.52 4.61 -10.92
CA THR B 55 6.29 4.37 -10.16
C THR B 55 5.67 5.63 -9.53
N SER B 56 4.41 5.50 -9.12
CA SER B 56 3.74 6.53 -8.32
CA SER B 56 3.70 6.54 -8.38
C SER B 56 2.51 5.93 -7.62
N ARG B 57 1.84 6.77 -6.82
CA ARG B 57 0.59 6.40 -6.15
C ARG B 57 -0.46 7.53 -6.31
N ILE B 58 -1.64 7.21 -6.87
CA ILE B 58 -2.76 8.16 -7.01
C ILE B 58 -3.94 7.78 -6.07
N THR B 59 -5.01 8.58 -6.12
CA THR B 59 -6.26 8.23 -5.43
C THR B 59 -7.48 8.49 -6.32
N LEU B 60 -8.32 7.47 -6.44
CA LEU B 60 -9.57 7.57 -7.20
C LEU B 60 -10.73 7.09 -6.31
N GLU B 61 -11.66 7.98 -6.02
CA GLU B 61 -12.81 7.63 -5.19
C GLU B 61 -12.36 7.03 -3.84
N GLY B 62 -11.27 7.55 -3.29
CA GLY B 62 -10.90 7.28 -1.90
C GLY B 62 -9.96 6.11 -1.61
N GLU B 63 -9.25 5.62 -2.62
CA GLU B 63 -8.39 4.43 -2.42
C GLU B 63 -7.03 4.52 -3.12
N ASP B 64 -6.04 3.83 -2.55
CA ASP B 64 -4.68 3.74 -3.11
C ASP B 64 -4.71 3.04 -4.47
N VAL B 65 -4.21 3.70 -5.52
CA VAL B 65 -3.95 3.04 -6.80
C VAL B 65 -2.48 3.30 -7.15
N ARG B 66 -1.73 2.24 -7.46
CA ARG B 66 -0.32 2.37 -7.83
C ARG B 66 -0.11 2.29 -9.35
N LEU B 67 0.89 3.04 -9.84
CA LEU B 67 1.23 3.14 -11.28
C LEU B 67 2.64 2.61 -11.53
N LEU B 68 2.84 1.93 -12.67
CA LEU B 68 4.14 1.37 -13.07
C LEU B 68 4.41 1.48 -14.58
N VAL B 69 5.58 2.01 -14.96
CA VAL B 69 6.13 1.89 -16.34
C VAL B 69 7.49 1.19 -16.23
N PRO B 70 7.58 -0.07 -16.70
CA PRO B 70 8.88 -0.77 -16.55
C PRO B 70 10.05 -0.19 -17.36
N THR B 71 11.27 -0.32 -16.83
CA THR B 71 12.51 -0.02 -17.59
C THR B 71 13.35 -1.28 -17.86
N THR B 72 12.67 -2.42 -17.86
CA THR B 72 13.27 -3.76 -18.05
C THR B 72 13.71 -4.12 -19.48
N PHE B 73 13.20 -3.35 -20.47
CA PHE B 73 12.99 -3.71 -21.90
C PHE B 73 11.72 -4.62 -22.04
N MET B 74 11.05 -4.51 -23.20
CA MET B 74 9.68 -5.03 -23.36
C MET B 74 9.53 -6.50 -23.02
N ASN B 75 10.43 -7.33 -23.56
CA ASN B 75 10.31 -8.78 -23.39
C ASN B 75 10.64 -9.29 -21.97
N LEU B 76 11.06 -8.37 -21.07
CA LEU B 76 11.37 -8.67 -19.66
C LEU B 76 10.41 -7.96 -18.67
N SER B 77 9.29 -7.46 -19.19
CA SER B 77 8.28 -6.71 -18.40
C SER B 77 7.76 -7.44 -17.15
N GLY B 78 7.65 -8.77 -17.20
CA GLY B 78 7.16 -9.54 -16.06
C GLY B 78 8.03 -9.43 -14.82
N LYS B 79 9.32 -9.13 -15.00
CA LYS B 79 10.25 -8.95 -13.89
C LYS B 79 9.75 -7.83 -12.97
N ALA B 80 9.37 -6.70 -13.58
CA ALA B 80 8.85 -5.56 -12.84
C ALA B 80 7.45 -5.82 -12.26
N VAL B 81 6.53 -6.32 -13.09
CA VAL B 81 5.15 -6.54 -12.63
C VAL B 81 5.09 -7.58 -11.50
N GLY B 82 5.83 -8.67 -11.65
CA GLY B 82 5.90 -9.72 -10.65
C GLY B 82 6.47 -9.23 -9.32
N ALA B 83 7.57 -8.49 -9.36
CA ALA B 83 8.21 -7.95 -8.14
C ALA B 83 7.27 -7.02 -7.37
N MET B 84 6.61 -6.11 -8.09
CA MET B 84 5.72 -5.15 -7.45
C MET B 84 4.43 -5.81 -6.93
N ALA B 85 3.79 -6.66 -7.74
CA ALA B 85 2.56 -7.31 -7.27
C ALA B 85 2.83 -8.24 -6.06
N SER B 86 3.93 -8.99 -6.06
CA SER B 86 4.27 -9.84 -4.93
CA SER B 86 4.27 -9.85 -4.93
C SER B 86 4.56 -9.05 -3.66
N PHE B 87 5.28 -7.94 -3.77
CA PHE B 87 5.62 -7.11 -2.60
C PHE B 87 4.38 -6.53 -1.89
N TYR B 88 3.44 -5.97 -2.66
CA TYR B 88 2.19 -5.40 -2.11
C TYR B 88 1.01 -6.40 -2.01
N ARG B 89 1.24 -7.67 -2.33
CA ARG B 89 0.22 -8.72 -2.17
C ARG B 89 -1.00 -8.49 -3.06
N ILE B 90 -0.75 -8.10 -4.31
CA ILE B 90 -1.80 -7.76 -5.30
C ILE B 90 -2.08 -8.97 -6.21
N GLN B 91 -3.36 -9.31 -6.36
CA GLN B 91 -3.76 -10.47 -7.19
C GLN B 91 -3.91 -10.10 -8.67
N PRO B 92 -3.79 -11.09 -9.58
CA PRO B 92 -3.89 -10.74 -11.01
C PRO B 92 -5.19 -10.03 -11.43
N ASP B 93 -6.35 -10.36 -10.84
CA ASP B 93 -7.60 -9.69 -11.25
C ASP B 93 -7.72 -8.25 -10.69
N GLU B 94 -6.71 -7.83 -9.94
CA GLU B 94 -6.58 -6.44 -9.44
C GLU B 94 -5.55 -5.60 -10.22
N ILE B 95 -5.04 -6.17 -11.32
CA ILE B 95 -4.07 -5.49 -12.20
C ILE B 95 -4.70 -5.14 -13.56
N LEU B 96 -4.42 -3.91 -14.05
CA LEU B 96 -4.79 -3.46 -15.41
C LEU B 96 -3.50 -3.15 -16.21
N VAL B 97 -3.31 -3.83 -17.36
CA VAL B 97 -2.14 -3.65 -18.21
C VAL B 97 -2.54 -2.98 -19.53
N ALA B 98 -2.05 -1.77 -19.75
CA ALA B 98 -2.26 -1.04 -21.02
C ALA B 98 -1.14 -1.34 -22.03
N HIS B 99 -1.55 -1.60 -23.29
CA HIS B 99 -0.61 -2.02 -24.34
C HIS B 99 -1.12 -1.63 -25.75
N ASP B 100 -0.20 -1.54 -26.71
CA ASP B 100 -0.55 -1.37 -28.14
C ASP B 100 -1.23 -2.62 -28.69
N GLU B 101 -2.25 -2.41 -29.55
CA GLU B 101 -3.06 -3.50 -30.13
C GLU B 101 -3.12 -3.42 -31.67
N LEU B 102 -2.49 -4.39 -32.36
CA LEU B 102 -2.50 -4.42 -33.83
C LEU B 102 -3.89 -4.62 -34.46
N ASP B 103 -4.78 -5.32 -33.75
CA ASP B 103 -6.11 -5.72 -34.28
C ASP B 103 -7.24 -4.68 -34.11
N LEU B 104 -6.91 -3.48 -33.62
CA LEU B 104 -7.83 -2.32 -33.58
C LEU B 104 -7.17 -1.14 -34.29
N PRO B 105 -7.97 -0.26 -34.96
CA PRO B 105 -7.37 0.90 -35.63
C PRO B 105 -6.99 2.09 -34.75
N PRO B 106 -6.11 2.97 -35.23
CA PRO B 106 -5.91 4.24 -34.52
C PRO B 106 -7.25 5.00 -34.31
N GLY B 107 -7.47 5.46 -33.09
CA GLY B 107 -8.71 6.15 -32.74
C GLY B 107 -9.63 5.37 -31.81
N VAL B 108 -9.38 4.06 -31.68
CA VAL B 108 -10.20 3.12 -30.95
C VAL B 108 -9.41 2.49 -29.79
N ALA B 109 -10.09 2.23 -28.67
CA ALA B 109 -9.54 1.46 -27.54
C ALA B 109 -10.64 0.60 -26.87
N LYS B 110 -10.25 -0.53 -26.24
CA LYS B 110 -11.18 -1.45 -25.59
CA LYS B 110 -11.18 -1.43 -25.58
C LYS B 110 -10.60 -2.06 -24.29
N PHE B 111 -11.48 -2.38 -23.34
CA PHE B 111 -11.15 -3.14 -22.12
C PHE B 111 -11.35 -4.65 -22.40
N LYS B 112 -10.52 -5.50 -21.80
CA LYS B 112 -10.61 -6.96 -21.90
C LYS B 112 -10.16 -7.61 -20.57
N LEU B 113 -10.81 -8.71 -20.15
CA LEU B 113 -10.29 -9.54 -19.04
C LEU B 113 -9.86 -10.92 -19.56
N GLY B 114 -8.59 -11.25 -19.33
CA GLY B 114 -8.04 -12.53 -19.77
C GLY B 114 -7.70 -12.63 -21.25
N GLY B 115 -7.48 -13.86 -21.72
CA GLY B 115 -7.16 -14.12 -23.13
C GLY B 115 -5.67 -14.27 -23.44
N GLY B 116 -5.35 -14.45 -24.71
CA GLY B 116 -3.97 -14.67 -25.12
C GLY B 116 -3.15 -13.41 -25.23
N HIS B 117 -1.84 -13.58 -25.52
CA HIS B 117 -0.94 -12.45 -25.69
C HIS B 117 -0.95 -11.92 -27.12
N GLY B 118 -1.48 -12.71 -28.06
CA GLY B 118 -1.60 -12.30 -29.45
C GLY B 118 -0.29 -11.95 -30.14
N GLY B 119 0.80 -12.58 -29.70
CA GLY B 119 2.13 -12.32 -30.22
C GLY B 119 2.88 -11.15 -29.59
N HIS B 120 2.22 -10.45 -28.65
CA HIS B 120 2.84 -9.34 -27.94
C HIS B 120 3.76 -9.90 -26.85
N ASN B 121 5.08 -9.75 -27.02
CA ASN B 121 5.99 -10.41 -26.08
C ASN B 121 6.11 -9.74 -24.71
N GLY B 122 5.58 -8.53 -24.55
CA GLY B 122 5.45 -7.95 -23.21
C GLY B 122 4.34 -8.65 -22.42
N LEU B 123 3.17 -8.83 -23.02
CA LEU B 123 2.10 -9.62 -22.44
C LEU B 123 2.54 -11.06 -22.15
N LYS B 124 3.27 -11.67 -23.08
CA LYS B 124 3.77 -13.05 -22.89
C LYS B 124 4.62 -13.16 -21.61
N ASP B 125 5.54 -12.22 -21.37
CA ASP B 125 6.37 -12.30 -20.14
C ASP B 125 5.57 -12.07 -18.85
N ILE B 126 4.55 -11.20 -18.87
CA ILE B 126 3.73 -10.98 -17.68
C ILE B 126 2.90 -12.24 -17.33
N ILE B 127 2.30 -12.88 -18.35
CA ILE B 127 1.56 -14.13 -18.13
C ILE B 127 2.48 -15.17 -17.45
N SER B 128 3.70 -15.31 -17.97
CA SER B 128 4.69 -16.23 -17.40
C SER B 128 5.04 -15.92 -15.92
N LYS B 129 5.41 -14.68 -15.60
CA LYS B 129 5.89 -14.35 -14.24
C LYS B 129 4.79 -14.18 -13.17
N LEU B 130 3.52 -14.15 -13.59
CA LEU B 130 2.38 -14.20 -12.66
C LEU B 130 1.92 -15.65 -12.40
N GLY B 131 2.75 -16.61 -12.77
CA GLY B 131 2.45 -18.02 -12.54
C GLY B 131 1.65 -18.70 -13.65
N ASN B 132 1.99 -18.39 -14.89
CA ASN B 132 1.23 -18.84 -16.06
C ASN B 132 -0.26 -18.51 -15.90
N ASN B 133 -0.54 -17.27 -15.53
CA ASN B 133 -1.91 -16.81 -15.26
C ASN B 133 -2.28 -15.61 -16.17
N PRO B 134 -3.21 -15.80 -17.12
CA PRO B 134 -3.56 -14.71 -18.02
C PRO B 134 -4.72 -13.85 -17.54
N ASN B 135 -5.27 -14.15 -16.36
CA ASN B 135 -6.52 -13.53 -15.92
C ASN B 135 -6.30 -12.22 -15.18
N PHE B 136 -5.68 -11.27 -15.89
CA PHE B 136 -5.59 -9.87 -15.51
C PHE B 136 -6.32 -9.01 -16.55
N HIS B 137 -6.68 -7.78 -16.16
CA HIS B 137 -7.36 -6.86 -17.06
C HIS B 137 -6.38 -6.18 -18.04
N ARG B 138 -6.87 -5.86 -19.25
CA ARG B 138 -6.09 -5.14 -20.26
C ARG B 138 -6.84 -3.92 -20.82
N LEU B 139 -6.08 -2.87 -21.14
CA LEU B 139 -6.53 -1.77 -22.00
C LEU B 139 -5.79 -1.88 -23.34
N ARG B 140 -6.55 -2.18 -24.39
CA ARG B 140 -6.06 -2.39 -25.76
C ARG B 140 -6.12 -1.08 -26.56
N VAL B 141 -4.97 -0.47 -26.81
CA VAL B 141 -4.89 0.82 -27.53
C VAL B 141 -4.59 0.59 -29.02
N GLY B 142 -5.57 0.87 -29.88
CA GLY B 142 -5.41 0.56 -31.31
C GLY B 142 -4.27 1.28 -32.02
N ILE B 143 -3.45 0.52 -32.76
CA ILE B 143 -2.37 1.09 -33.59
C ILE B 143 -2.46 0.67 -35.08
N GLY B 144 -3.41 -0.20 -35.41
CA GLY B 144 -3.55 -0.76 -36.75
C GLY B 144 -2.46 -1.79 -37.09
N HIS B 145 -2.46 -2.28 -38.32
CA HIS B 145 -1.59 -3.38 -38.75
C HIS B 145 -0.92 -2.99 -40.08
N PRO B 146 0.33 -3.43 -40.30
CA PRO B 146 1.02 -3.03 -41.54
C PRO B 146 0.55 -3.72 -42.81
N GLY B 147 0.07 -4.95 -42.69
CA GLY B 147 -0.41 -5.71 -43.83
C GLY B 147 0.24 -7.08 -43.90
N ASP B 148 1.48 -7.12 -44.36
CA ASP B 148 2.26 -8.35 -44.39
C ASP B 148 2.81 -8.65 -42.99
N LYS B 149 2.59 -9.87 -42.53
CA LYS B 149 3.06 -10.29 -41.21
C LYS B 149 4.58 -10.14 -41.06
N ASN B 150 5.26 -9.92 -42.18
CA ASN B 150 6.72 -9.82 -42.20
C ASN B 150 7.23 -8.40 -41.92
N LYS B 151 6.31 -7.46 -41.71
CA LYS B 151 6.68 -6.05 -41.50
C LYS B 151 6.37 -5.56 -40.08
N VAL B 152 5.90 -6.46 -39.22
CA VAL B 152 5.44 -6.10 -37.88
C VAL B 152 6.56 -5.55 -36.98
N VAL B 153 7.75 -6.16 -37.05
CA VAL B 153 8.86 -5.73 -36.19
C VAL B 153 9.25 -4.27 -36.42
N GLY B 154 9.46 -3.90 -37.69
CA GLY B 154 9.73 -2.52 -38.05
C GLY B 154 8.58 -1.56 -37.74
N PHE B 155 7.36 -2.10 -37.79
CA PHE B 155 6.14 -1.31 -37.56
C PHE B 155 5.99 -0.94 -36.08
N VAL B 156 6.07 -1.93 -35.19
CA VAL B 156 5.85 -1.65 -33.77
C VAL B 156 7.02 -0.87 -33.16
N LEU B 157 8.22 -0.95 -33.75
CA LEU B 157 9.34 -0.14 -33.30
C LEU B 157 9.55 1.11 -34.17
N GLY B 158 8.49 1.51 -34.86
CA GLY B 158 8.48 2.72 -35.67
C GLY B 158 7.59 3.83 -35.11
N LYS B 159 7.87 5.07 -35.51
CA LYS B 159 7.09 6.24 -35.12
C LYS B 159 5.88 6.42 -36.06
N PRO B 160 4.65 6.58 -35.50
CA PRO B 160 3.53 6.73 -36.44
C PRO B 160 3.51 8.06 -37.22
N PRO B 161 2.92 8.06 -38.43
CA PRO B 161 2.65 9.34 -39.10
C PRO B 161 1.81 10.28 -38.24
N VAL B 162 1.96 11.57 -38.48
CA VAL B 162 1.24 12.60 -37.70
C VAL B 162 -0.28 12.34 -37.68
N SER B 163 -0.86 11.95 -38.82
CA SER B 163 -2.28 11.69 -38.91
C SER B 163 -2.76 10.53 -38.01
N GLU B 164 -1.92 9.50 -37.89
CA GLU B 164 -2.22 8.36 -37.01
C GLU B 164 -2.02 8.73 -35.53
N GLN B 165 -0.97 9.49 -35.24
CA GLN B 165 -0.71 9.96 -33.87
C GLN B 165 -1.89 10.76 -33.28
N LYS B 166 -2.50 11.63 -34.09
CA LYS B 166 -3.64 12.42 -33.60
C LYS B 166 -4.80 11.53 -33.14
N LEU B 167 -5.06 10.46 -33.88
CA LEU B 167 -6.16 9.57 -33.56
C LEU B 167 -5.84 8.72 -32.29
N ILE B 168 -4.61 8.22 -32.18
CA ILE B 168 -4.19 7.48 -30.96
C ILE B 168 -4.34 8.36 -29.73
N ASP B 169 -3.91 9.60 -29.83
CA ASP B 169 -4.03 10.56 -28.73
C ASP B 169 -5.51 10.74 -28.30
N GLU B 170 -6.44 10.87 -29.25
CA GLU B 170 -7.87 10.95 -28.96
C GLU B 170 -8.38 9.75 -28.14
N ALA B 171 -7.96 8.54 -28.53
CA ALA B 171 -8.36 7.32 -27.86
C ALA B 171 -7.79 7.25 -26.43
N ILE B 172 -6.54 7.67 -26.24
CA ILE B 172 -5.88 7.62 -24.92
C ILE B 172 -6.58 8.58 -23.95
N ASP B 173 -6.95 9.77 -24.42
CA ASP B 173 -7.73 10.74 -23.64
CA ASP B 173 -7.68 10.74 -23.60
C ASP B 173 -9.04 10.17 -23.14
N GLU B 174 -9.80 9.57 -24.06
CA GLU B 174 -11.08 8.98 -23.73
C GLU B 174 -10.89 7.77 -22.78
N ALA B 175 -9.85 6.98 -22.99
CA ALA B 175 -9.61 5.84 -22.09
C ALA B 175 -9.30 6.28 -20.65
N ALA B 176 -8.56 7.37 -20.49
CA ALA B 176 -8.31 7.91 -19.13
C ALA B 176 -9.61 8.37 -18.46
N ARG B 177 -10.46 9.07 -19.19
CA ARG B 177 -11.75 9.49 -18.62
C ARG B 177 -12.61 8.28 -18.24
N CYS B 178 -12.56 7.21 -19.04
CA CYS B 178 -13.32 6.01 -18.73
C CYS B 178 -12.74 5.18 -17.54
N THR B 179 -11.43 5.31 -17.29
CA THR B 179 -10.78 4.68 -16.12
C THR B 179 -11.29 5.35 -14.83
N GLU B 180 -11.38 6.68 -14.84
CA GLU B 180 -12.01 7.40 -13.72
C GLU B 180 -13.45 6.97 -13.51
N LEU B 181 -14.20 6.76 -14.60
CA LEU B 181 -15.58 6.31 -14.50
C LEU B 181 -15.72 4.90 -13.89
N TRP B 182 -14.79 4.02 -14.21
CA TRP B 182 -14.75 2.66 -13.66
C TRP B 182 -14.70 2.70 -12.12
N PHE B 183 -13.82 3.53 -11.58
CA PHE B 183 -13.72 3.65 -10.11
C PHE B 183 -14.97 4.27 -9.47
N LYS B 184 -15.60 5.20 -10.18
CA LYS B 184 -16.83 5.86 -9.66
C LYS B 184 -18.10 5.02 -9.75
N GLU B 185 -18.37 4.44 -10.93
CA GLU B 185 -19.66 3.82 -11.21
C GLU B 185 -19.62 2.37 -11.70
N GLY B 186 -18.41 1.81 -11.84
CA GLY B 186 -18.27 0.38 -12.15
C GLY B 186 -17.79 0.08 -13.56
N LEU B 187 -17.26 -1.13 -13.75
CA LEU B 187 -16.72 -1.55 -15.05
C LEU B 187 -17.76 -1.60 -16.18
N ALA B 188 -19.00 -1.95 -15.86
CA ALA B 188 -20.03 -2.05 -16.92
C ALA B 188 -20.30 -0.68 -17.55
N LYS B 189 -20.52 0.33 -16.71
CA LYS B 189 -20.72 1.70 -17.17
C LYS B 189 -19.49 2.23 -17.94
N ALA B 190 -18.28 1.93 -17.45
CA ALA B 190 -17.05 2.38 -18.10
C ALA B 190 -16.89 1.77 -19.49
N THR B 191 -17.25 0.48 -19.62
CA THR B 191 -17.12 -0.25 -20.88
C THR B 191 -18.15 0.27 -21.89
N SER B 192 -19.35 0.57 -21.43
CA SER B 192 -20.38 1.06 -22.35
C SER B 192 -19.94 2.38 -22.98
N ARG B 193 -19.36 3.27 -22.19
CA ARG B 193 -18.90 4.56 -22.73
C ARG B 193 -17.72 4.34 -23.71
N LEU B 194 -16.67 3.64 -23.29
CA LEU B 194 -15.47 3.50 -24.13
C LEU B 194 -15.72 2.77 -25.45
N HIS B 195 -16.44 1.66 -25.41
CA HIS B 195 -16.62 0.84 -26.61
C HIS B 195 -17.57 1.49 -27.65
N THR B 196 -18.39 2.48 -27.23
CA THR B 196 -19.27 3.20 -28.17
C THR B 196 -18.62 4.48 -28.78
N PHE B 197 -17.40 4.80 -28.36
CA PHE B 197 -16.71 6.06 -28.72
C PHE B 197 -16.62 6.37 -30.24
N LYS B 198 -16.27 5.39 -31.05
CA LYS B 198 -16.22 5.58 -32.52
C LYS B 198 -17.27 4.76 -33.25
N ALA B 199 -18.22 4.20 -32.51
CA ALA B 199 -19.21 3.27 -33.09
C ALA B 199 -20.53 3.94 -33.45
N GLN B 200 -20.73 5.14 -32.91
CA GLN B 200 -21.95 5.92 -33.06
C GLN B 200 -22.71 5.71 -34.35
#